data_2YU1
#
_entry.id   2YU1
#
_cell.length_a   81.255
_cell.length_b   81.255
_cell.length_c   124.010
_cell.angle_alpha   90.00
_cell.angle_beta   90.00
_cell.angle_gamma   120.00
#
_symmetry.space_group_name_H-M   'P 31 2 1'
#
loop_
_entity.id
_entity.type
_entity.pdbx_description
1 polymer 'JmjC domain-containing histone demethylation protein 1A'
2 non-polymer 'FE (II) ION'
3 non-polymer '2-OXOGLUTARIC ACID'
4 water water
#
_entity_poly.entity_id   1
_entity_poly.type   'polypeptide(L)'
_entity_poly.pdbx_seq_one_letter_code
;MEPEEERIRYSQRLRGTMRRRYEDDGISDDEIEGKRTFDLEEKLHTNKYNANFVTFMEGKDFNVEYIQRGGLRDPLIFKN
SDGLGIKMPDPDFTVNDVKMCVGSRRMVDVMDVNTQKGIEMTMAQWTRYYETPEEEREKLYNVISLEFSHTRLENMVQRP
STVDFIDWVDNMWPRHLKESQTESTNAILEMQYPKVQKYCLMSVRGCYTDFHVDFGGTSVWYHIHQGGKVFWLIPPTAHN
LELYENWLLSGSQGDIFLGDRVSDCQRIELKQGYTFVIPSGWIHAVYTPTDTLVFGGNFLHSFNIPMQLKIYNIEDRTRV
PNKFRYPFYYEMCWYVLERYVYCITNRSHLTKEFQKESLSMDLELNGLESGNGDEEAVDREPRQVHLTHFELEGLRCLVD
KLESLPLHKKCVPTGIEDEDALIADVKILLEELANSDPKLALTGVPIVQWP
;
_entity_poly.pdbx_strand_id   A
#
# COMPACT_ATOMS: atom_id res chain seq x y z
N ARG A 36 -3.71 -16.94 -20.78
CA ARG A 36 -4.31 -15.85 -21.61
C ARG A 36 -5.33 -16.39 -22.59
N THR A 37 -6.53 -16.65 -22.10
CA THR A 37 -7.59 -17.18 -22.93
C THR A 37 -8.54 -16.06 -23.36
N PHE A 38 -8.86 -15.18 -22.43
CA PHE A 38 -9.76 -14.07 -22.68
C PHE A 38 -9.11 -12.97 -23.50
N ASP A 39 -9.92 -12.21 -24.23
CA ASP A 39 -9.43 -11.13 -25.07
C ASP A 39 -9.30 -9.83 -24.28
N LEU A 40 -8.06 -9.43 -23.99
CA LEU A 40 -7.80 -8.21 -23.25
C LEU A 40 -8.35 -6.98 -23.99
N GLU A 41 -8.13 -6.94 -25.30
CA GLU A 41 -8.60 -5.83 -26.13
C GLU A 41 -10.07 -5.58 -25.88
N GLU A 42 -10.85 -6.64 -25.81
CA GLU A 42 -12.28 -6.53 -25.56
C GLU A 42 -12.49 -5.87 -24.19
N LYS A 43 -11.76 -6.36 -23.20
CA LYS A 43 -11.84 -5.83 -21.83
C LYS A 43 -11.37 -4.38 -21.76
N LEU A 44 -10.64 -3.95 -22.78
CA LEU A 44 -10.10 -2.60 -22.83
C LEU A 44 -10.98 -1.61 -23.57
N HIS A 45 -11.83 -2.12 -24.46
CA HIS A 45 -12.67 -1.25 -25.25
C HIS A 45 -14.18 -1.37 -25.07
N THR A 46 -14.66 -2.49 -24.55
CA THR A 46 -16.09 -2.62 -24.33
C THR A 46 -16.38 -1.58 -23.26
N ASN A 47 -17.56 -0.97 -23.31
CA ASN A 47 -17.90 0.03 -22.31
C ASN A 47 -18.96 -0.54 -21.39
N LYS A 48 -18.58 -1.58 -20.64
CA LYS A 48 -19.49 -2.24 -19.73
C LYS A 48 -19.04 -2.21 -18.27
N TYR A 49 -17.79 -1.83 -18.04
CA TYR A 49 -17.28 -1.74 -16.68
C TYR A 49 -17.51 -0.28 -16.29
N ASN A 50 -18.79 0.09 -16.27
CA ASN A 50 -19.26 1.44 -15.98
C ASN A 50 -19.61 1.70 -14.53
N ALA A 51 -19.18 0.84 -13.60
CA ALA A 51 -19.47 1.07 -12.19
C ALA A 51 -18.95 2.46 -11.85
N ASN A 52 -19.46 3.04 -10.77
CA ASN A 52 -19.03 4.37 -10.34
C ASN A 52 -18.38 4.31 -8.96
N PHE A 53 -17.15 3.84 -8.90
CA PHE A 53 -16.45 3.68 -7.64
C PHE A 53 -15.52 4.84 -7.31
N VAL A 54 -14.79 5.31 -8.32
CA VAL A 54 -13.83 6.38 -8.11
C VAL A 54 -14.42 7.75 -7.84
N THR A 55 -13.83 8.42 -6.85
CA THR A 55 -14.26 9.74 -6.45
C THR A 55 -13.19 10.73 -6.91
N PHE A 56 -13.60 11.71 -7.71
CA PHE A 56 -12.68 12.73 -8.21
C PHE A 56 -12.69 13.93 -7.27
N MET A 57 -11.51 14.36 -6.84
CA MET A 57 -11.43 15.49 -5.94
C MET A 57 -10.16 16.33 -6.04
N GLU A 58 -10.12 17.40 -5.25
CA GLU A 58 -8.99 18.31 -5.22
C GLU A 58 -8.03 17.94 -4.10
N GLY A 59 -6.75 17.82 -4.45
CA GLY A 59 -5.74 17.47 -3.46
C GLY A 59 -5.91 18.20 -2.15
N LYS A 60 -6.30 19.46 -2.22
CA LYS A 60 -6.47 20.25 -1.01
C LYS A 60 -7.49 19.62 -0.07
N ASP A 61 -8.54 19.03 -0.62
CA ASP A 61 -9.57 18.41 0.19
C ASP A 61 -9.12 17.09 0.86
N PHE A 62 -7.93 16.62 0.49
CA PHE A 62 -7.40 15.35 1.01
C PHE A 62 -6.53 15.51 2.26
N ASN A 63 -7.20 15.69 3.40
CA ASN A 63 -6.54 15.85 4.68
C ASN A 63 -6.96 14.71 5.62
N VAL A 64 -6.37 14.71 6.82
CA VAL A 64 -6.65 13.71 7.82
C VAL A 64 -8.09 13.67 8.30
N GLU A 65 -8.78 14.81 8.20
CA GLU A 65 -10.17 14.84 8.64
C GLU A 65 -10.99 14.02 7.67
N TYR A 66 -10.53 13.97 6.43
CA TYR A 66 -11.18 13.23 5.37
C TYR A 66 -11.07 11.75 5.71
N ILE A 67 -9.86 11.33 6.09
CA ILE A 67 -9.66 9.94 6.45
C ILE A 67 -10.47 9.57 7.70
N GLN A 68 -10.49 10.45 8.69
CA GLN A 68 -11.24 10.22 9.91
C GLN A 68 -12.73 10.15 9.61
N ARG A 69 -13.14 10.87 8.58
CA ARG A 69 -14.53 10.92 8.17
C ARG A 69 -14.96 9.71 7.32
N GLY A 70 -14.16 9.37 6.31
CA GLY A 70 -14.51 8.26 5.44
C GLY A 70 -13.78 6.97 5.66
N GLY A 71 -12.60 7.05 6.27
CA GLY A 71 -11.83 5.84 6.53
C GLY A 71 -11.15 5.30 5.28
N LEU A 72 -10.77 6.20 4.37
CA LEU A 72 -10.11 5.83 3.12
C LEU A 72 -10.72 4.60 2.49
N ARG A 73 -12.03 4.62 2.29
CA ARG A 73 -12.76 3.51 1.69
C ARG A 73 -13.00 3.67 0.19
N ASP A 74 -12.67 4.82 -0.36
CA ASP A 74 -12.90 5.06 -1.77
C ASP A 74 -11.64 5.29 -2.57
N PRO A 75 -11.60 4.77 -3.80
CA PRO A 75 -10.39 5.03 -4.58
C PRO A 75 -10.48 6.47 -5.10
N LEU A 76 -9.39 7.23 -4.98
CA LEU A 76 -9.42 8.61 -5.41
C LEU A 76 -8.53 8.93 -6.60
N ILE A 77 -8.95 9.94 -7.36
CA ILE A 77 -8.19 10.43 -8.51
C ILE A 77 -8.08 11.95 -8.40
N PHE A 78 -6.84 12.44 -8.44
CA PHE A 78 -6.59 13.87 -8.39
C PHE A 78 -6.00 14.20 -9.76
N LYS A 79 -6.76 14.93 -10.56
CA LYS A 79 -6.27 15.30 -11.87
C LYS A 79 -5.08 16.24 -11.69
N ASN A 80 -5.18 17.16 -10.72
CA ASN A 80 -4.06 18.09 -10.41
C ASN A 80 -3.33 17.62 -9.18
N SER A 81 -2.02 17.87 -9.14
CA SER A 81 -1.22 17.49 -7.99
C SER A 81 -1.25 18.65 -7.01
N ASP A 82 -2.11 19.62 -7.30
CA ASP A 82 -2.20 20.82 -6.51
C ASP A 82 -2.90 20.71 -5.17
N GLY A 83 -2.11 20.72 -4.11
CA GLY A 83 -2.69 20.65 -2.77
C GLY A 83 -2.27 19.39 -2.06
N LEU A 84 -1.79 18.44 -2.84
CA LEU A 84 -1.35 17.15 -2.35
C LEU A 84 -0.06 17.20 -1.56
N GLY A 85 0.84 18.11 -1.95
CA GLY A 85 2.10 18.22 -1.26
C GLY A 85 3.10 17.19 -1.78
N ILE A 86 3.01 16.89 -3.07
CA ILE A 86 3.93 15.90 -3.65
C ILE A 86 4.97 16.65 -4.43
N LYS A 87 6.08 15.97 -4.71
CA LYS A 87 7.13 16.57 -5.51
C LYS A 87 7.59 15.47 -6.45
N MET A 88 7.66 15.78 -7.73
CA MET A 88 8.09 14.82 -8.73
C MET A 88 9.24 15.37 -9.57
N PRO A 89 10.17 14.51 -10.02
CA PRO A 89 11.28 15.01 -10.82
C PRO A 89 10.80 15.76 -12.07
N ASP A 90 11.69 16.63 -12.58
CA ASP A 90 11.44 17.40 -13.80
C ASP A 90 10.77 16.35 -14.68
N PRO A 91 9.55 16.64 -15.22
CA PRO A 91 8.98 15.56 -15.98
C PRO A 91 9.67 14.96 -17.21
N ASP A 92 10.75 15.55 -17.70
CA ASP A 92 11.40 14.92 -18.84
C ASP A 92 12.27 13.74 -18.36
N PHE A 93 12.12 13.40 -17.08
CA PHE A 93 12.85 12.30 -16.43
C PHE A 93 12.52 11.03 -17.22
N THR A 94 13.50 10.15 -17.41
CA THR A 94 13.26 8.93 -18.17
C THR A 94 13.83 7.70 -17.48
N VAL A 95 13.41 6.51 -17.92
CA VAL A 95 13.90 5.27 -17.34
C VAL A 95 15.40 5.31 -17.14
N ASN A 96 16.11 5.83 -18.14
CA ASN A 96 17.56 5.94 -18.06
C ASN A 96 17.93 6.75 -16.81
N ASP A 97 17.28 7.89 -16.64
CA ASP A 97 17.51 8.76 -15.49
C ASP A 97 17.26 7.98 -14.20
N VAL A 98 16.59 6.85 -14.35
CA VAL A 98 16.29 5.96 -13.24
C VAL A 98 17.39 4.92 -13.16
N LYS A 99 17.94 4.49 -14.29
CA LYS A 99 18.98 3.47 -14.22
C LYS A 99 20.21 3.99 -13.49
N MET A 100 20.27 5.31 -13.29
CA MET A 100 21.38 5.92 -12.60
C MET A 100 21.13 6.03 -11.09
N CYS A 101 20.21 6.92 -10.71
CA CYS A 101 19.86 7.15 -9.31
C CYS A 101 19.83 5.87 -8.48
N VAL A 102 19.19 4.81 -9.00
CA VAL A 102 19.12 3.54 -8.27
C VAL A 102 20.46 2.80 -8.33
N GLY A 103 21.03 2.75 -9.54
CA GLY A 103 22.30 2.09 -9.71
C GLY A 103 22.21 0.97 -10.72
N SER A 104 22.96 1.10 -11.82
CA SER A 104 22.95 0.06 -12.85
C SER A 104 23.40 -1.25 -12.19
N ARG A 105 23.41 -2.32 -12.97
CA ARG A 105 23.85 -3.62 -12.44
C ARG A 105 23.23 -3.87 -11.06
N ARG A 106 22.10 -3.22 -10.80
CA ARG A 106 21.39 -3.37 -9.53
C ARG A 106 20.18 -4.24 -9.82
N MET A 107 20.38 -5.55 -9.74
CA MET A 107 19.32 -6.51 -10.00
C MET A 107 17.92 -5.97 -9.68
N VAL A 108 17.03 -6.10 -10.66
CA VAL A 108 15.65 -5.63 -10.51
C VAL A 108 14.71 -6.78 -10.84
N ASP A 109 13.65 -6.92 -10.04
CA ASP A 109 12.68 -7.98 -10.28
C ASP A 109 11.87 -7.61 -11.50
N VAL A 110 12.08 -8.31 -12.61
CA VAL A 110 11.38 -8.00 -13.83
C VAL A 110 10.46 -9.13 -14.24
N MET A 111 9.16 -8.88 -14.38
CA MET A 111 8.29 -9.98 -14.79
C MET A 111 7.88 -10.04 -16.26
N ASP A 112 7.86 -11.27 -16.76
CA ASP A 112 7.50 -11.58 -18.14
C ASP A 112 5.96 -11.62 -18.22
N VAL A 113 5.33 -10.47 -18.48
CA VAL A 113 3.86 -10.42 -18.49
C VAL A 113 3.18 -11.50 -19.32
N ASN A 114 3.96 -12.44 -19.85
CA ASN A 114 3.41 -13.54 -20.63
C ASN A 114 3.43 -14.83 -19.83
N THR A 115 3.78 -14.72 -18.56
CA THR A 115 3.81 -15.86 -17.64
C THR A 115 4.23 -15.41 -16.23
N GLN A 116 5.52 -15.12 -15.99
CA GLN A 116 6.02 -14.64 -14.69
C GLN A 116 7.51 -14.83 -14.30
N LYS A 117 7.97 -13.96 -13.40
CA LYS A 117 9.32 -13.93 -12.79
C LYS A 117 10.58 -13.30 -13.45
N GLY A 118 11.28 -14.01 -14.33
CA GLY A 118 12.47 -13.46 -14.96
C GLY A 118 13.19 -12.22 -14.39
N ILE A 119 13.43 -12.14 -13.08
CA ILE A 119 14.07 -11.05 -12.36
C ILE A 119 15.58 -11.09 -12.56
N GLU A 120 16.01 -11.80 -13.61
CA GLU A 120 17.39 -12.10 -13.99
C GLU A 120 18.13 -10.78 -13.97
N MET A 121 17.61 -9.84 -14.76
CA MET A 121 18.21 -8.54 -14.92
C MET A 121 18.31 -7.46 -13.86
N THR A 122 19.22 -6.56 -14.20
CA THR A 122 19.57 -5.39 -13.43
C THR A 122 19.11 -4.25 -14.32
N MET A 123 19.24 -3.04 -13.81
CA MET A 123 18.86 -1.85 -14.55
C MET A 123 19.56 -1.76 -15.89
N ALA A 124 20.83 -2.15 -15.93
CA ALA A 124 21.61 -2.11 -17.16
C ALA A 124 20.88 -2.82 -18.29
N GLN A 125 20.58 -4.10 -18.08
CA GLN A 125 19.88 -4.89 -19.10
C GLN A 125 18.50 -4.30 -19.34
N TRP A 126 17.86 -3.85 -18.27
CA TRP A 126 16.51 -3.30 -18.36
C TRP A 126 16.39 -2.03 -19.18
N THR A 127 17.17 -1.03 -18.82
CA THR A 127 17.12 0.23 -19.52
C THR A 127 17.22 0.00 -21.03
N ARG A 128 18.11 -0.91 -21.44
CA ARG A 128 18.26 -1.20 -22.86
C ARG A 128 16.99 -1.80 -23.41
N TYR A 129 16.26 -2.52 -22.55
CA TYR A 129 15.01 -3.12 -22.99
C TYR A 129 13.96 -2.01 -23.18
N TYR A 130 13.80 -1.14 -22.18
CA TYR A 130 12.84 -0.06 -22.29
C TYR A 130 12.91 0.68 -23.63
N GLU A 131 14.13 0.95 -24.10
CA GLU A 131 14.28 1.71 -25.34
C GLU A 131 14.32 0.93 -26.64
N THR A 132 13.86 -0.31 -26.64
CA THR A 132 13.82 -1.12 -27.85
C THR A 132 12.49 -0.89 -28.58
N PRO A 133 12.52 -0.28 -29.78
CA PRO A 133 11.23 -0.07 -30.44
C PRO A 133 10.28 -1.26 -30.25
N GLU A 134 9.01 -0.95 -30.09
CA GLU A 134 8.00 -1.97 -29.85
C GLU A 134 8.15 -3.23 -30.69
N GLU A 135 8.26 -3.11 -32.01
CA GLU A 135 8.37 -4.29 -32.85
C GLU A 135 9.67 -5.07 -32.63
N GLU A 136 10.77 -4.37 -32.45
CA GLU A 136 12.05 -5.03 -32.21
C GLU A 136 11.99 -5.72 -30.86
N ARG A 137 11.20 -5.16 -29.95
CA ARG A 137 11.03 -5.69 -28.59
C ARG A 137 10.68 -7.17 -28.66
N GLU A 138 11.55 -8.01 -28.11
CA GLU A 138 11.37 -9.47 -28.11
C GLU A 138 10.40 -9.96 -27.03
N LYS A 139 10.69 -9.63 -25.78
CA LYS A 139 9.85 -10.03 -24.67
C LYS A 139 8.90 -8.90 -24.26
N LEU A 140 7.96 -9.22 -23.39
CA LEU A 140 7.02 -8.25 -22.86
C LEU A 140 7.33 -8.20 -21.37
N TYR A 141 8.17 -7.25 -20.98
CA TYR A 141 8.58 -7.11 -19.59
C TYR A 141 7.95 -5.95 -18.83
N ASN A 142 7.85 -6.13 -17.52
CA ASN A 142 7.25 -5.14 -16.64
C ASN A 142 7.98 -5.06 -15.30
N VAL A 143 8.26 -3.85 -14.85
CA VAL A 143 8.94 -3.64 -13.58
C VAL A 143 8.03 -2.83 -12.67
N ILE A 144 7.36 -3.52 -11.75
CA ILE A 144 6.44 -2.85 -10.83
C ILE A 144 6.88 -3.03 -9.38
N SER A 145 8.16 -3.28 -9.15
CA SER A 145 8.67 -3.49 -7.80
C SER A 145 9.87 -2.68 -7.32
N LEU A 146 10.52 -1.93 -8.20
CA LEU A 146 11.70 -1.16 -7.80
C LEU A 146 11.43 -0.19 -6.66
N GLU A 147 11.84 -0.58 -5.46
CA GLU A 147 11.65 0.25 -4.27
C GLU A 147 12.99 0.98 -4.09
N PHE A 148 12.98 2.28 -4.35
CA PHE A 148 14.18 3.10 -4.36
C PHE A 148 14.62 3.94 -3.18
N SER A 149 13.84 4.00 -2.11
CA SER A 149 14.21 4.81 -0.92
C SER A 149 15.69 4.70 -0.47
N HIS A 150 16.36 3.71 -1.02
CA HIS A 150 17.76 3.44 -0.76
C HIS A 150 18.59 4.52 -1.48
N THR A 151 18.28 4.67 -2.77
CA THR A 151 18.95 5.59 -3.69
C THR A 151 18.65 7.09 -3.54
N ARG A 152 19.44 7.87 -4.28
CA ARG A 152 19.32 9.32 -4.29
C ARG A 152 17.94 9.73 -4.77
N LEU A 153 17.35 8.88 -5.61
CA LEU A 153 16.04 9.14 -6.18
C LEU A 153 15.04 9.49 -5.09
N GLU A 154 15.28 8.99 -3.88
CA GLU A 154 14.39 9.26 -2.76
C GLU A 154 14.06 10.73 -2.57
N ASN A 155 15.05 11.52 -2.14
CA ASN A 155 14.85 12.94 -1.92
C ASN A 155 14.55 13.70 -3.21
N MET A 156 14.14 12.94 -4.22
CA MET A 156 13.82 13.51 -5.52
C MET A 156 12.30 13.36 -5.72
N VAL A 157 11.75 12.40 -4.99
CA VAL A 157 10.33 12.05 -5.02
C VAL A 157 9.68 12.22 -3.64
N GLN A 158 8.51 12.83 -3.60
CA GLN A 158 7.80 13.02 -2.34
C GLN A 158 6.31 12.71 -2.45
N ARG A 159 5.84 11.85 -1.55
CA ARG A 159 4.44 11.44 -1.53
C ARG A 159 3.55 12.50 -0.88
N PRO A 160 2.23 12.42 -1.12
CA PRO A 160 1.28 13.40 -0.55
C PRO A 160 1.35 13.44 0.97
N SER A 161 1.52 14.64 1.54
CA SER A 161 1.63 14.80 2.98
C SER A 161 0.58 14.10 3.84
N THR A 162 -0.63 13.91 3.32
CA THR A 162 -1.66 13.23 4.08
C THR A 162 -1.20 11.80 4.36
N VAL A 163 -0.60 11.18 3.35
CA VAL A 163 -0.10 9.82 3.48
C VAL A 163 1.06 9.77 4.47
N ASP A 164 1.71 10.92 4.70
CA ASP A 164 2.81 10.94 5.66
C ASP A 164 2.25 10.93 7.08
N PHE A 165 1.02 11.43 7.22
CA PHE A 165 0.35 11.51 8.52
C PHE A 165 -0.18 10.16 8.99
N ILE A 166 -0.68 9.35 8.06
CA ILE A 166 -1.24 8.03 8.43
C ILE A 166 -0.37 6.79 8.17
N ASP A 167 0.74 6.95 7.47
CA ASP A 167 1.62 5.84 7.17
C ASP A 167 2.09 5.13 8.43
N TRP A 168 1.82 3.83 8.50
CA TRP A 168 2.22 3.06 9.65
C TRP A 168 3.72 3.04 9.86
N VAL A 169 4.51 3.09 8.79
CA VAL A 169 5.97 3.05 8.96
C VAL A 169 6.59 4.31 9.58
N ASP A 170 6.43 5.44 8.92
CA ASP A 170 6.98 6.69 9.44
C ASP A 170 6.45 7.01 10.83
N ASN A 171 5.22 6.60 11.09
CA ASN A 171 4.54 6.89 12.36
C ASN A 171 4.53 5.86 13.46
N MET A 172 4.72 4.60 13.11
CA MET A 172 4.65 3.51 14.08
C MET A 172 5.97 2.81 14.42
N TRP A 173 6.78 2.51 13.40
CA TRP A 173 8.06 1.82 13.60
C TRP A 173 9.12 2.69 14.27
N PRO A 174 9.85 2.13 15.26
CA PRO A 174 10.89 2.91 15.94
C PRO A 174 11.82 3.58 14.93
N ARG A 175 11.87 4.91 15.00
CA ARG A 175 12.66 5.72 14.08
C ARG A 175 14.15 5.39 13.97
N HIS A 176 14.78 4.94 15.05
CA HIS A 176 16.19 4.66 14.95
C HIS A 176 16.48 3.42 14.14
N LEU A 177 15.43 2.72 13.70
CA LEU A 177 15.60 1.51 12.90
C LEU A 177 15.39 1.75 11.42
N LYS A 178 15.28 3.01 11.03
CA LYS A 178 15.07 3.36 9.63
C LYS A 178 15.93 4.57 9.27
N GLU A 179 16.91 4.87 10.13
CA GLU A 179 17.82 6.00 9.92
C GLU A 179 19.06 5.56 9.12
N MET A 191 17.74 -5.58 6.38
CA MET A 191 16.75 -4.57 6.75
C MET A 191 16.08 -4.94 8.07
N GLN A 192 15.90 -3.94 8.91
CA GLN A 192 15.23 -4.14 10.19
C GLN A 192 14.14 -3.09 10.30
N TYR A 193 13.38 -2.97 9.21
CA TYR A 193 12.26 -2.04 9.09
C TYR A 193 11.64 -2.29 7.72
N PRO A 194 10.30 -2.35 7.64
CA PRO A 194 9.67 -2.59 6.35
C PRO A 194 10.04 -1.55 5.29
N LYS A 195 11.00 -1.90 4.43
CA LYS A 195 11.45 -1.01 3.37
C LYS A 195 10.67 -1.35 2.11
N VAL A 196 9.41 -0.94 2.11
CA VAL A 196 8.49 -1.16 1.01
C VAL A 196 7.63 0.08 0.92
N GLN A 197 8.26 1.25 1.02
CA GLN A 197 7.52 2.50 1.00
C GLN A 197 7.40 3.23 -0.34
N LYS A 198 8.52 3.58 -0.94
CA LYS A 198 8.51 4.28 -2.23
C LYS A 198 8.72 3.30 -3.38
N TYR A 199 7.87 3.39 -4.39
CA TYR A 199 7.98 2.50 -5.55
C TYR A 199 8.08 3.21 -6.88
N CYS A 200 8.82 2.58 -7.79
CA CYS A 200 9.00 3.12 -9.12
C CYS A 200 8.65 2.05 -10.14
N LEU A 201 7.46 2.16 -10.71
CA LEU A 201 7.02 1.20 -11.72
C LEU A 201 7.40 1.75 -13.09
N MET A 202 7.87 0.87 -13.97
CA MET A 202 8.23 1.27 -15.33
C MET A 202 7.65 0.19 -16.21
N SER A 203 6.68 0.58 -17.04
CA SER A 203 5.99 -0.36 -17.91
C SER A 203 6.01 0.03 -19.37
N VAL A 204 5.90 -0.99 -20.21
CA VAL A 204 5.91 -0.85 -21.65
C VAL A 204 4.51 -1.05 -22.26
N ARG A 205 4.28 -0.44 -23.42
CA ARG A 205 3.00 -0.57 -24.09
C ARG A 205 2.67 -2.04 -24.16
N GLY A 206 1.51 -2.41 -23.65
CA GLY A 206 1.11 -3.79 -23.73
C GLY A 206 1.20 -4.69 -22.50
N CYS A 207 1.93 -4.29 -21.47
CA CYS A 207 1.99 -5.18 -20.31
C CYS A 207 0.74 -5.07 -19.46
N TYR A 208 0.32 -6.22 -18.95
CA TYR A 208 -0.89 -6.34 -18.15
C TYR A 208 -0.68 -7.10 -16.85
N THR A 209 -1.00 -6.45 -15.73
CA THR A 209 -0.88 -7.11 -14.44
C THR A 209 -2.30 -7.56 -14.07
N ASP A 210 -2.49 -8.88 -14.03
CA ASP A 210 -3.80 -9.48 -13.73
C ASP A 210 -4.33 -9.16 -12.33
N PHE A 211 -5.64 -9.31 -12.14
CA PHE A 211 -6.28 -9.03 -10.86
C PHE A 211 -5.54 -9.50 -9.62
N HIS A 212 -5.41 -8.61 -8.67
CA HIS A 212 -4.73 -8.94 -7.44
C HIS A 212 -5.12 -7.89 -6.40
N VAL A 213 -4.75 -8.16 -5.16
CA VAL A 213 -5.00 -7.24 -4.07
C VAL A 213 -3.60 -7.04 -3.54
N ASP A 214 -3.17 -5.78 -3.41
CA ASP A 214 -1.83 -5.49 -2.94
C ASP A 214 -1.47 -6.13 -1.61
N PHE A 215 -0.22 -6.58 -1.48
CA PHE A 215 0.22 -7.26 -0.27
C PHE A 215 -0.07 -6.59 1.07
N GLY A 216 -0.39 -7.41 2.06
CA GLY A 216 -0.70 -6.92 3.39
C GLY A 216 -1.94 -6.05 3.42
N GLY A 217 -2.73 -6.08 2.36
CA GLY A 217 -3.90 -5.25 2.36
C GLY A 217 -3.50 -3.79 2.47
N THR A 218 -2.34 -3.46 1.90
CA THR A 218 -1.84 -2.08 1.89
C THR A 218 -2.70 -1.27 0.94
N SER A 219 -2.68 0.05 1.11
CA SER A 219 -3.39 0.93 0.20
C SER A 219 -2.24 1.43 -0.67
N VAL A 220 -2.55 2.07 -1.79
CA VAL A 220 -1.48 2.52 -2.66
C VAL A 220 -1.76 3.85 -3.34
N TRP A 221 -0.70 4.61 -3.53
CA TRP A 221 -0.78 5.90 -4.22
C TRP A 221 0.13 5.81 -5.47
N TYR A 222 -0.35 6.34 -6.59
CA TYR A 222 0.41 6.33 -7.82
C TYR A 222 0.30 7.67 -8.52
N HIS A 223 1.42 8.13 -9.05
CA HIS A 223 1.46 9.39 -9.80
C HIS A 223 2.00 9.05 -11.18
N ILE A 224 1.17 9.19 -12.22
CA ILE A 224 1.63 8.89 -13.58
C ILE A 224 2.56 9.99 -14.04
N HIS A 225 3.87 9.73 -14.01
CA HIS A 225 4.79 10.77 -14.43
C HIS A 225 4.81 10.93 -15.93
N GLN A 226 4.97 9.83 -16.64
CA GLN A 226 4.96 9.88 -18.10
C GLN A 226 4.19 8.68 -18.59
N GLY A 227 3.20 8.95 -19.43
CA GLY A 227 2.40 7.89 -20.00
C GLY A 227 0.99 7.82 -19.45
N GLY A 228 0.55 6.62 -19.13
CA GLY A 228 -0.78 6.42 -18.60
C GLY A 228 -1.02 4.96 -18.29
N LYS A 229 -2.08 4.68 -17.54
CA LYS A 229 -2.42 3.32 -17.18
C LYS A 229 -3.93 3.12 -17.11
N VAL A 230 -4.38 1.90 -17.40
CA VAL A 230 -5.80 1.56 -17.35
C VAL A 230 -6.02 0.62 -16.19
N PHE A 231 -6.97 0.95 -15.32
CA PHE A 231 -7.26 0.11 -14.17
C PHE A 231 -8.67 -0.45 -14.23
N TRP A 232 -8.81 -1.65 -13.68
CA TRP A 232 -10.09 -2.33 -13.54
C TRP A 232 -10.22 -2.45 -12.02
N LEU A 233 -11.23 -1.80 -11.46
CA LEU A 233 -11.45 -1.81 -10.01
C LEU A 233 -12.65 -2.64 -9.58
N ILE A 234 -12.45 -3.44 -8.54
CA ILE A 234 -13.48 -4.29 -7.95
C ILE A 234 -13.46 -4.04 -6.44
N PRO A 235 -14.62 -3.69 -5.84
CA PRO A 235 -14.61 -3.42 -4.40
C PRO A 235 -14.54 -4.64 -3.47
N PRO A 236 -13.87 -4.46 -2.32
CA PRO A 236 -13.71 -5.53 -1.33
C PRO A 236 -15.00 -5.98 -0.65
N THR A 237 -16.05 -6.14 -1.44
CA THR A 237 -17.33 -6.61 -0.96
C THR A 237 -17.14 -8.03 -0.46
N ALA A 238 -17.69 -8.36 0.69
CA ALA A 238 -17.55 -9.72 1.23
C ALA A 238 -17.72 -10.76 0.13
N HIS A 239 -18.71 -10.53 -0.74
CA HIS A 239 -18.97 -11.43 -1.85
C HIS A 239 -17.79 -11.45 -2.81
N ASN A 240 -17.36 -10.27 -3.27
CA ASN A 240 -16.24 -10.19 -4.22
C ASN A 240 -14.98 -10.84 -3.63
N LEU A 241 -14.70 -10.55 -2.37
CA LEU A 241 -13.52 -11.11 -1.72
C LEU A 241 -13.53 -12.64 -1.63
N GLU A 242 -14.72 -13.24 -1.69
CA GLU A 242 -14.85 -14.69 -1.65
C GLU A 242 -14.52 -15.17 -3.04
N LEU A 243 -15.21 -14.58 -4.03
CA LEU A 243 -15.00 -14.93 -5.43
C LEU A 243 -13.52 -14.92 -5.74
N TYR A 244 -12.83 -13.88 -5.28
CA TYR A 244 -11.40 -13.67 -5.51
C TYR A 244 -10.50 -14.75 -4.89
N GLU A 245 -10.83 -15.15 -3.68
CA GLU A 245 -10.05 -16.18 -3.01
C GLU A 245 -10.28 -17.52 -3.72
N ASN A 246 -11.53 -17.83 -4.07
CA ASN A 246 -11.80 -19.09 -4.76
C ASN A 246 -11.06 -19.09 -6.10
N TRP A 247 -10.92 -17.90 -6.68
CA TRP A 247 -10.26 -17.70 -7.97
C TRP A 247 -8.75 -17.91 -7.89
N LEU A 248 -8.17 -17.61 -6.73
CA LEU A 248 -6.75 -17.79 -6.56
C LEU A 248 -6.41 -19.25 -6.26
N LEU A 249 -7.41 -19.99 -5.80
CA LEU A 249 -7.21 -21.39 -5.48
C LEU A 249 -7.31 -22.24 -6.73
N SER A 250 -8.26 -21.91 -7.60
CA SER A 250 -8.44 -22.66 -8.85
C SER A 250 -7.27 -22.39 -9.79
N GLY A 251 -6.26 -21.70 -9.30
CA GLY A 251 -5.10 -21.40 -10.11
C GLY A 251 -5.17 -20.05 -10.81
N SER A 252 -6.11 -19.19 -10.39
CA SER A 252 -6.25 -17.87 -11.02
C SER A 252 -6.22 -18.07 -12.54
N GLN A 253 -6.79 -19.21 -12.95
CA GLN A 253 -6.89 -19.64 -14.34
C GLN A 253 -6.35 -18.76 -15.46
N GLY A 254 -6.77 -17.50 -15.56
CA GLY A 254 -6.29 -16.66 -16.65
C GLY A 254 -7.14 -16.96 -17.88
N ASP A 255 -8.18 -17.73 -17.63
CA ASP A 255 -9.15 -18.14 -18.63
C ASP A 255 -10.41 -17.34 -18.31
N ILE A 256 -10.45 -16.81 -17.09
CA ILE A 256 -11.57 -16.01 -16.60
C ILE A 256 -11.12 -14.57 -16.34
N PHE A 257 -11.87 -13.60 -16.85
CA PHE A 257 -11.54 -12.21 -16.57
C PHE A 257 -12.35 -11.93 -15.32
N LEU A 258 -11.67 -11.74 -14.21
CA LEU A 258 -12.34 -11.51 -12.93
C LEU A 258 -13.35 -10.37 -12.99
N GLY A 259 -13.07 -9.39 -13.83
CA GLY A 259 -13.96 -8.25 -13.94
C GLY A 259 -15.33 -8.67 -14.40
N ASP A 260 -15.38 -9.75 -15.15
CA ASP A 260 -16.63 -10.26 -15.67
C ASP A 260 -17.32 -11.16 -14.70
N ARG A 261 -16.60 -11.61 -13.69
CA ARG A 261 -17.22 -12.50 -12.74
C ARG A 261 -18.10 -11.75 -11.72
N VAL A 262 -17.75 -10.50 -11.46
CA VAL A 262 -18.46 -9.67 -10.51
C VAL A 262 -19.56 -8.85 -11.14
N SER A 263 -20.47 -8.37 -10.29
CA SER A 263 -21.60 -7.57 -10.72
C SER A 263 -21.22 -6.17 -11.17
N ASP A 264 -20.34 -5.53 -10.41
CA ASP A 264 -19.92 -4.18 -10.70
C ASP A 264 -18.40 -4.00 -10.70
N CYS A 265 -17.89 -3.53 -11.82
CA CYS A 265 -16.47 -3.26 -12.01
C CYS A 265 -16.32 -1.90 -12.67
N GLN A 266 -15.23 -1.20 -12.38
CA GLN A 266 -15.03 0.09 -13.03
C GLN A 266 -13.66 0.16 -13.67
N ARG A 267 -13.63 0.28 -14.99
CA ARG A 267 -12.36 0.41 -15.68
C ARG A 267 -12.04 1.90 -15.71
N ILE A 268 -10.90 2.28 -15.17
CA ILE A 268 -10.54 3.68 -15.15
C ILE A 268 -9.30 3.94 -15.96
N GLU A 269 -9.16 5.17 -16.43
CA GLU A 269 -8.01 5.56 -17.23
C GLU A 269 -7.25 6.65 -16.49
N LEU A 270 -5.98 6.40 -16.22
CA LEU A 270 -5.13 7.36 -15.55
C LEU A 270 -4.21 7.99 -16.57
N LYS A 271 -4.26 9.31 -16.69
CA LYS A 271 -3.43 10.04 -17.63
C LYS A 271 -2.18 10.61 -16.94
N GLN A 272 -1.33 11.26 -17.72
CA GLN A 272 -0.12 11.85 -17.18
C GLN A 272 -0.47 12.96 -16.20
N GLY A 273 0.12 12.91 -15.01
CA GLY A 273 -0.14 13.94 -14.02
C GLY A 273 -1.14 13.58 -12.92
N TYR A 274 -1.95 12.55 -13.18
CA TYR A 274 -2.92 12.12 -12.18
C TYR A 274 -2.24 11.41 -11.01
N THR A 275 -2.85 11.55 -9.84
CA THR A 275 -2.37 10.88 -8.66
C THR A 275 -3.55 9.97 -8.34
N PHE A 276 -3.26 8.68 -8.15
CA PHE A 276 -4.28 7.68 -7.88
C PHE A 276 -4.13 7.04 -6.49
N VAL A 277 -5.23 6.97 -5.74
CA VAL A 277 -5.21 6.34 -4.42
C VAL A 277 -6.17 5.16 -4.37
N ILE A 278 -5.65 3.97 -4.12
CA ILE A 278 -6.49 2.78 -4.02
C ILE A 278 -6.58 2.35 -2.57
N PRO A 279 -7.79 2.12 -2.07
CA PRO A 279 -7.92 1.70 -0.67
C PRO A 279 -7.71 0.22 -0.40
N SER A 280 -7.27 -0.08 0.82
CA SER A 280 -7.02 -1.44 1.25
C SER A 280 -8.15 -2.41 0.89
N GLY A 281 -7.80 -3.50 0.22
CA GLY A 281 -8.79 -4.51 -0.13
C GLY A 281 -9.26 -4.61 -1.57
N TRP A 282 -9.20 -3.51 -2.31
CA TRP A 282 -9.66 -3.53 -3.69
C TRP A 282 -8.93 -4.49 -4.61
N ILE A 283 -9.70 -5.20 -5.41
CA ILE A 283 -9.14 -6.15 -6.37
C ILE A 283 -9.04 -5.36 -7.67
N HIS A 284 -7.84 -5.27 -8.22
CA HIS A 284 -7.68 -4.54 -9.46
C HIS A 284 -6.70 -5.22 -10.42
N ALA A 285 -6.81 -4.84 -11.69
CA ALA A 285 -5.95 -5.34 -12.75
C ALA A 285 -5.43 -4.10 -13.45
N VAL A 286 -4.21 -4.16 -13.96
CA VAL A 286 -3.67 -2.98 -14.62
C VAL A 286 -3.11 -3.30 -16.00
N TYR A 287 -3.18 -2.31 -16.87
CA TYR A 287 -2.71 -2.43 -18.23
C TYR A 287 -2.06 -1.14 -18.65
N THR A 288 -0.87 -1.25 -19.24
CA THR A 288 -0.11 -0.09 -19.70
C THR A 288 -0.32 0.12 -21.21
N PRO A 289 -1.17 1.09 -21.59
CA PRO A 289 -1.44 1.36 -23.00
C PRO A 289 -0.22 1.84 -23.76
N THR A 290 0.70 2.51 -23.06
CA THR A 290 1.93 3.01 -23.68
C THR A 290 3.05 2.99 -22.65
N ASP A 291 4.28 3.15 -23.12
CA ASP A 291 5.45 3.16 -22.23
C ASP A 291 5.25 4.23 -21.17
N THR A 292 5.15 3.78 -19.92
CA THR A 292 4.92 4.71 -18.82
C THR A 292 5.90 4.55 -17.66
N LEU A 293 6.11 5.65 -16.94
CA LEU A 293 6.99 5.72 -15.78
C LEU A 293 6.13 6.27 -14.63
N VAL A 294 5.97 5.46 -13.58
CA VAL A 294 5.16 5.83 -12.42
C VAL A 294 5.91 5.77 -11.10
N PHE A 295 5.61 6.71 -10.22
CA PHE A 295 6.20 6.75 -8.89
C PHE A 295 5.05 6.67 -7.90
N GLY A 296 5.15 5.74 -6.96
CA GLY A 296 4.09 5.59 -5.97
C GLY A 296 4.54 4.86 -4.72
N GLY A 297 3.61 4.22 -4.03
CA GLY A 297 3.94 3.49 -2.81
C GLY A 297 2.78 2.81 -2.12
N ASN A 298 3.11 1.83 -1.29
CA ASN A 298 2.11 1.07 -0.55
C ASN A 298 2.28 1.32 0.94
N PHE A 299 1.20 1.75 1.58
CA PHE A 299 1.24 2.03 2.99
C PHE A 299 0.11 1.37 3.76
N LEU A 300 0.25 1.38 5.08
CA LEU A 300 -0.75 0.83 5.98
C LEU A 300 -1.18 1.99 6.87
N HIS A 301 -2.44 2.01 7.28
CA HIS A 301 -2.87 3.07 8.17
C HIS A 301 -3.76 2.47 9.25
N SER A 302 -4.21 3.31 10.17
CA SER A 302 -5.04 2.82 11.26
C SER A 302 -6.56 2.95 11.11
N PHE A 303 -7.03 3.37 9.93
CA PHE A 303 -8.47 3.55 9.70
C PHE A 303 -9.18 2.44 8.94
N ASN A 304 -8.45 1.40 8.56
CA ASN A 304 -9.06 0.28 7.85
C ASN A 304 -8.24 -0.96 8.21
N ILE A 305 -8.04 -1.17 9.49
CA ILE A 305 -7.27 -2.30 9.98
C ILE A 305 -7.98 -3.63 9.68
N PRO A 306 -9.29 -3.70 9.95
CA PRO A 306 -9.96 -4.97 9.66
C PRO A 306 -9.78 -5.52 8.24
N MET A 307 -9.77 -4.66 7.22
CA MET A 307 -9.58 -5.16 5.86
C MET A 307 -8.11 -5.55 5.69
N GLN A 308 -7.23 -4.80 6.35
CA GLN A 308 -5.81 -5.09 6.24
C GLN A 308 -5.56 -6.51 6.74
N LEU A 309 -6.20 -6.89 7.84
CA LEU A 309 -6.04 -8.22 8.40
C LEU A 309 -6.85 -9.22 7.55
N LYS A 310 -7.98 -8.76 7.03
CA LYS A 310 -8.84 -9.58 6.20
C LYS A 310 -7.97 -10.12 5.05
N ILE A 311 -7.18 -9.24 4.46
CA ILE A 311 -6.34 -9.67 3.35
C ILE A 311 -5.15 -10.49 3.74
N TYR A 312 -4.60 -10.25 4.92
CA TYR A 312 -3.45 -11.03 5.33
C TYR A 312 -3.88 -12.49 5.43
N ASN A 313 -5.07 -12.69 5.99
CA ASN A 313 -5.60 -14.04 6.17
C ASN A 313 -5.92 -14.72 4.86
N ILE A 314 -6.11 -13.94 3.79
CA ILE A 314 -6.38 -14.53 2.49
C ILE A 314 -5.06 -15.03 1.98
N GLU A 315 -4.05 -14.20 2.18
CA GLU A 315 -2.70 -14.53 1.77
C GLU A 315 -2.27 -15.79 2.51
N ASP A 316 -2.70 -15.91 3.78
CA ASP A 316 -2.38 -17.08 4.59
C ASP A 316 -3.03 -18.36 4.04
N ARG A 317 -4.31 -18.27 3.66
CA ARG A 317 -5.04 -19.43 3.12
C ARG A 317 -4.68 -19.73 1.67
N THR A 318 -4.20 -18.72 0.98
CA THR A 318 -3.82 -18.85 -0.41
C THR A 318 -2.36 -19.26 -0.52
N ARG A 319 -1.77 -19.54 0.62
CA ARG A 319 -0.39 -19.96 0.69
C ARG A 319 0.53 -19.11 -0.16
N VAL A 320 0.53 -17.81 0.09
CA VAL A 320 1.42 -16.91 -0.65
C VAL A 320 2.83 -17.09 -0.08
N PRO A 321 3.83 -17.23 -0.96
CA PRO A 321 5.22 -17.41 -0.54
C PRO A 321 5.73 -16.26 0.31
N ASN A 322 6.35 -16.61 1.44
CA ASN A 322 6.89 -15.63 2.39
C ASN A 322 7.79 -14.58 1.75
N LYS A 323 8.10 -14.76 0.48
CA LYS A 323 8.94 -13.80 -0.21
C LYS A 323 8.14 -12.52 -0.45
N PHE A 324 6.95 -12.70 -1.01
CA PHE A 324 6.07 -11.60 -1.37
C PHE A 324 5.14 -11.09 -0.28
N ARG A 325 5.46 -11.40 0.97
CA ARG A 325 4.64 -10.97 2.09
C ARG A 325 5.10 -9.62 2.63
N TYR A 326 4.17 -8.85 3.19
CA TYR A 326 4.55 -7.56 3.76
C TYR A 326 5.54 -7.86 4.88
N PRO A 327 6.76 -7.31 4.77
CA PRO A 327 7.78 -7.55 5.79
C PRO A 327 7.43 -7.01 7.18
N PHE A 328 7.57 -7.86 8.19
CA PHE A 328 7.31 -7.51 9.58
C PHE A 328 5.87 -7.11 9.85
N TYR A 329 4.92 -7.81 9.25
CA TYR A 329 3.51 -7.48 9.42
C TYR A 329 3.09 -7.41 10.88
N TYR A 330 3.18 -8.54 11.57
CA TYR A 330 2.79 -8.63 12.97
C TYR A 330 3.66 -7.83 13.92
N GLU A 331 4.95 -7.68 13.60
CA GLU A 331 5.85 -6.93 14.46
C GLU A 331 5.38 -5.48 14.43
N MET A 332 4.91 -5.06 13.26
CA MET A 332 4.40 -3.72 13.06
C MET A 332 3.15 -3.53 13.93
N CYS A 333 2.22 -4.49 13.83
CA CYS A 333 0.99 -4.44 14.59
C CYS A 333 1.25 -4.19 16.07
N TRP A 334 2.24 -4.88 16.62
CA TRP A 334 2.59 -4.70 18.03
C TRP A 334 3.02 -3.28 18.32
N TYR A 335 3.74 -2.67 17.38
CA TYR A 335 4.15 -1.31 17.60
C TYR A 335 2.95 -0.38 17.51
N VAL A 336 2.03 -0.65 16.59
CA VAL A 336 0.83 0.19 16.44
C VAL A 336 0.08 0.30 17.76
N LEU A 337 -0.11 -0.85 18.41
CA LEU A 337 -0.81 -0.86 19.69
C LEU A 337 -0.01 -0.06 20.72
N GLU A 338 1.28 -0.36 20.84
CA GLU A 338 2.13 0.31 21.81
C GLU A 338 2.11 1.82 21.60
N ARG A 339 2.03 2.25 20.36
CA ARG A 339 2.00 3.69 20.04
C ARG A 339 0.67 4.28 20.50
N TYR A 340 -0.44 3.60 20.19
CA TYR A 340 -1.75 4.06 20.60
C TYR A 340 -1.81 4.19 22.12
N VAL A 341 -1.54 3.09 22.82
CA VAL A 341 -1.56 3.12 24.27
C VAL A 341 -0.70 4.26 24.79
N TYR A 342 0.51 4.43 24.26
CA TYR A 342 1.38 5.51 24.71
C TYR A 342 0.90 6.92 24.33
N CYS A 343 0.34 7.08 23.14
CA CYS A 343 -0.11 8.40 22.74
C CYS A 343 -1.38 8.82 23.46
N ILE A 344 -2.23 7.86 23.78
CA ILE A 344 -3.48 8.16 24.48
C ILE A 344 -3.26 8.12 25.99
N THR A 345 -2.48 7.15 26.44
CA THR A 345 -2.22 6.91 27.86
C THR A 345 -0.92 7.40 28.47
N ASN A 346 0.04 7.79 27.65
CA ASN A 346 1.31 8.26 28.16
C ASN A 346 2.07 7.14 28.87
N ARG A 347 1.55 5.92 28.78
CA ARG A 347 2.23 4.78 29.39
C ARG A 347 3.00 4.01 28.31
N SER A 348 4.32 4.15 28.30
CA SER A 348 5.12 3.45 27.30
C SER A 348 5.18 1.96 27.58
N HIS A 349 5.36 1.18 26.53
CA HIS A 349 5.46 -0.27 26.66
C HIS A 349 6.70 -0.84 25.97
N LEU A 350 7.57 0.05 25.50
CA LEU A 350 8.81 -0.37 24.85
C LEU A 350 9.86 -0.61 25.93
N THR A 351 10.96 -1.26 25.56
CA THR A 351 12.04 -1.53 26.51
C THR A 351 12.69 -0.20 26.92
N LYS A 352 13.48 -0.21 27.99
CA LYS A 352 14.11 1.02 28.43
C LYS A 352 15.02 1.54 27.32
N GLU A 353 15.74 0.63 26.69
CA GLU A 353 16.64 0.95 25.60
C GLU A 353 15.92 1.78 24.52
N PHE A 354 14.83 1.22 24.00
CA PHE A 354 14.03 1.88 22.97
C PHE A 354 13.46 3.18 23.43
N GLN A 355 13.04 3.22 24.69
CA GLN A 355 12.47 4.43 25.20
C GLN A 355 13.52 5.53 25.15
N LYS A 356 14.76 5.15 25.46
CA LYS A 356 15.88 6.08 25.48
C LYS A 356 16.16 6.63 24.09
N GLU A 357 16.20 5.76 23.09
CA GLU A 357 16.45 6.26 21.75
C GLU A 357 15.33 7.22 21.33
N SER A 358 14.07 6.83 21.55
CA SER A 358 12.95 7.69 21.17
C SER A 358 13.06 9.03 21.84
N LEU A 359 13.47 9.03 23.10
CA LEU A 359 13.66 10.26 23.87
C LEU A 359 14.86 11.06 23.36
N SER A 360 15.93 10.37 23.01
CA SER A 360 17.12 11.05 22.49
C SER A 360 16.73 11.77 21.22
N MET A 361 16.22 11.00 20.25
CA MET A 361 15.80 11.53 18.97
C MET A 361 14.89 12.74 19.11
N ASP A 362 13.98 12.70 20.08
CA ASP A 362 13.07 13.82 20.31
C ASP A 362 13.93 14.99 20.75
N LEU A 363 14.81 14.74 21.71
CA LEU A 363 15.72 15.77 22.20
C LEU A 363 16.84 15.95 21.18
N GLU A 364 16.43 16.30 19.97
CA GLU A 364 17.32 16.55 18.85
C GLU A 364 16.56 17.43 17.87
N GLN A 384 -9.36 13.46 27.82
CA GLN A 384 -9.15 12.13 27.24
C GLN A 384 -8.96 12.20 25.73
N VAL A 385 -9.51 11.22 25.01
CA VAL A 385 -9.38 11.15 23.57
C VAL A 385 -10.64 10.56 22.93
N HIS A 386 -10.91 10.91 21.68
CA HIS A 386 -12.08 10.38 20.99
C HIS A 386 -11.69 9.77 19.65
N LEU A 387 -11.73 8.45 19.61
CA LEU A 387 -11.37 7.72 18.40
C LEU A 387 -12.57 7.56 17.48
N THR A 388 -12.31 7.32 16.21
CA THR A 388 -13.35 7.13 15.23
C THR A 388 -13.75 5.67 15.43
N HIS A 389 -14.87 5.25 14.85
CA HIS A 389 -15.25 3.86 15.01
C HIS A 389 -14.26 3.02 14.23
N PHE A 390 -13.77 3.58 13.13
CA PHE A 390 -12.79 2.91 12.28
C PHE A 390 -11.63 2.36 13.11
N GLU A 391 -11.06 3.19 13.98
CA GLU A 391 -9.95 2.73 14.81
C GLU A 391 -10.38 1.83 15.96
N LEU A 392 -11.52 2.14 16.57
CA LEU A 392 -11.97 1.31 17.66
C LEU A 392 -12.23 -0.12 17.17
N GLU A 393 -12.91 -0.25 16.03
CA GLU A 393 -13.16 -1.58 15.51
C GLU A 393 -11.82 -2.15 15.08
N GLY A 394 -10.95 -1.29 14.56
CA GLY A 394 -9.66 -1.75 14.12
C GLY A 394 -8.79 -2.29 15.24
N LEU A 395 -8.71 -1.54 16.33
CA LEU A 395 -7.91 -1.98 17.45
C LEU A 395 -8.46 -3.29 17.97
N ARG A 396 -9.78 -3.45 17.92
CA ARG A 396 -10.41 -4.66 18.39
C ARG A 396 -9.85 -5.85 17.63
N CYS A 397 -9.81 -5.74 16.30
CA CYS A 397 -9.26 -6.79 15.45
C CYS A 397 -7.78 -7.06 15.74
N LEU A 398 -6.99 -6.00 15.82
CA LEU A 398 -5.58 -6.18 16.12
C LEU A 398 -5.39 -6.95 17.44
N VAL A 399 -6.23 -6.68 18.42
CA VAL A 399 -6.14 -7.37 19.70
C VAL A 399 -6.55 -8.82 19.56
N ASP A 400 -7.70 -9.07 18.95
CA ASP A 400 -8.16 -10.43 18.79
C ASP A 400 -7.22 -11.25 17.89
N LYS A 401 -6.74 -10.63 16.82
CA LYS A 401 -5.83 -11.30 15.89
C LYS A 401 -4.60 -11.76 16.63
N LEU A 402 -3.88 -10.80 17.19
CA LEU A 402 -2.66 -11.04 17.95
C LEU A 402 -2.82 -12.06 19.08
N GLU A 403 -4.01 -12.12 19.66
CA GLU A 403 -4.22 -13.08 20.73
C GLU A 403 -4.45 -14.48 20.19
N SER A 404 -4.99 -14.60 18.98
CA SER A 404 -5.25 -15.91 18.38
C SER A 404 -4.01 -16.50 17.71
N LEU A 405 -2.85 -15.89 17.95
CA LEU A 405 -1.63 -16.37 17.36
C LEU A 405 -0.93 -17.35 18.31
N PRO A 406 -0.60 -18.56 17.83
CA PRO A 406 0.07 -19.51 18.71
C PRO A 406 1.34 -18.89 19.29
N LEU A 407 1.53 -19.10 20.60
CA LEU A 407 2.66 -18.56 21.33
C LEU A 407 3.99 -18.41 20.60
N HIS A 408 4.44 -19.43 19.90
CA HIS A 408 5.71 -19.34 19.20
C HIS A 408 5.71 -18.38 18.02
N LYS A 409 4.53 -18.06 17.51
CA LYS A 409 4.45 -17.15 16.37
C LYS A 409 3.66 -15.86 16.61
N LYS A 410 3.91 -15.20 17.73
CA LYS A 410 3.23 -13.95 18.02
C LYS A 410 4.09 -12.80 17.51
N CYS A 411 5.21 -13.14 16.88
CA CYS A 411 6.12 -12.18 16.30
C CYS A 411 6.21 -10.87 17.09
N VAL A 412 6.40 -10.95 18.39
CA VAL A 412 6.53 -9.74 19.20
C VAL A 412 7.80 -9.04 18.74
N PRO A 413 7.69 -7.76 18.33
CA PRO A 413 8.88 -7.03 17.87
C PRO A 413 9.93 -7.07 18.96
N THR A 414 11.09 -6.46 18.70
CA THR A 414 12.16 -6.48 19.67
C THR A 414 12.15 -5.34 20.70
N GLY A 415 11.48 -4.25 20.37
CA GLY A 415 11.43 -3.13 21.30
C GLY A 415 10.31 -3.19 22.32
N ILE A 416 9.75 -4.36 22.51
CA ILE A 416 8.63 -4.47 23.43
C ILE A 416 8.84 -5.35 24.67
N GLU A 417 8.70 -4.70 25.82
CA GLU A 417 8.84 -5.34 27.12
C GLU A 417 7.81 -6.44 27.27
N ASP A 418 6.69 -6.11 27.89
CA ASP A 418 5.63 -7.09 28.12
C ASP A 418 4.49 -6.89 27.12
N GLU A 419 4.22 -7.92 26.33
CA GLU A 419 3.16 -7.88 25.33
C GLU A 419 1.81 -8.03 26.01
N ASP A 420 1.80 -8.83 27.07
CA ASP A 420 0.58 -9.08 27.81
C ASP A 420 0.14 -7.81 28.52
N ALA A 421 1.07 -7.13 29.17
CA ALA A 421 0.72 -5.89 29.83
C ALA A 421 0.17 -4.97 28.73
N LEU A 422 0.79 -5.01 27.56
CA LEU A 422 0.33 -4.19 26.46
C LEU A 422 -1.12 -4.56 26.12
N ILE A 423 -1.32 -5.83 25.77
CA ILE A 423 -2.65 -6.31 25.41
C ILE A 423 -3.69 -5.99 26.48
N ALA A 424 -3.31 -6.16 27.74
CA ALA A 424 -4.23 -5.86 28.83
C ALA A 424 -4.59 -4.39 28.80
N ASP A 425 -3.57 -3.56 28.60
CA ASP A 425 -3.76 -2.12 28.54
C ASP A 425 -4.62 -1.67 27.35
N VAL A 426 -4.59 -2.44 26.26
CA VAL A 426 -5.38 -2.10 25.08
C VAL A 426 -6.83 -2.42 25.37
N LYS A 427 -7.09 -3.61 25.90
CA LYS A 427 -8.46 -4.04 26.21
C LYS A 427 -9.13 -3.04 27.15
N ILE A 428 -8.40 -2.57 28.14
CA ILE A 428 -8.93 -1.60 29.08
C ILE A 428 -9.17 -0.29 28.35
N LEU A 429 -8.22 0.06 27.49
CA LEU A 429 -8.29 1.28 26.70
C LEU A 429 -9.50 1.22 25.76
N LEU A 430 -9.75 0.05 25.18
CA LEU A 430 -10.87 -0.11 24.27
C LEU A 430 -12.22 -0.03 24.95
N GLU A 431 -12.27 -0.30 26.26
CA GLU A 431 -13.56 -0.23 26.91
C GLU A 431 -13.82 1.17 27.46
N GLU A 432 -12.76 1.84 27.90
CA GLU A 432 -12.90 3.19 28.40
C GLU A 432 -13.34 4.11 27.26
N LEU A 433 -12.81 3.85 26.07
CA LEU A 433 -13.09 4.69 24.90
C LEU A 433 -14.27 4.23 24.05
N ALA A 434 -14.88 3.12 24.42
CA ALA A 434 -16.01 2.56 23.71
C ALA A 434 -16.97 3.64 23.21
N ASN A 435 -17.29 4.59 24.09
CA ASN A 435 -18.21 5.68 23.75
C ASN A 435 -17.42 6.88 23.31
N SER A 436 -17.07 6.94 22.03
CA SER A 436 -16.33 8.07 21.51
C SER A 436 -17.33 8.80 20.64
N ASP A 437 -17.29 10.12 20.68
CA ASP A 437 -18.22 10.88 19.86
C ASP A 437 -17.64 11.05 18.46
N PRO A 438 -18.33 10.56 17.43
CA PRO A 438 -17.79 10.73 16.08
C PRO A 438 -17.39 12.17 15.76
N LYS A 439 -18.28 13.11 16.05
CA LYS A 439 -17.97 14.51 15.79
C LYS A 439 -16.69 14.93 16.50
N LEU A 440 -16.64 14.70 17.81
CA LEU A 440 -15.47 15.08 18.59
C LEU A 440 -14.23 14.33 18.16
N ALA A 441 -14.43 13.16 17.57
CA ALA A 441 -13.33 12.34 17.12
C ALA A 441 -12.58 12.98 15.95
N LEU A 442 -13.31 13.66 15.08
CA LEU A 442 -12.75 14.30 13.90
C LEU A 442 -11.81 15.47 14.21
N THR A 443 -10.71 15.17 14.90
CA THR A 443 -9.73 16.18 15.29
C THR A 443 -8.91 16.81 14.18
N GLY A 444 -8.92 16.21 13.00
CA GLY A 444 -8.12 16.76 11.91
C GLY A 444 -6.67 16.31 11.96
N VAL A 445 -6.26 15.65 13.03
CA VAL A 445 -4.89 15.17 13.13
C VAL A 445 -4.84 13.87 13.91
N PRO A 446 -4.16 12.86 13.35
CA PRO A 446 -4.03 11.54 13.99
C PRO A 446 -3.50 11.63 15.41
N ILE A 447 -4.02 10.76 16.28
CA ILE A 447 -3.62 10.73 17.67
C ILE A 447 -2.19 10.19 17.80
N VAL A 448 -1.78 9.38 16.85
CA VAL A 448 -0.42 8.86 16.87
C VAL A 448 0.43 9.78 16.03
N GLN A 449 1.34 10.51 16.68
CA GLN A 449 2.20 11.45 16.00
C GLN A 449 3.58 11.50 16.70
N TRP A 450 4.61 11.97 16.00
CA TRP A 450 5.98 12.05 16.55
C TRP A 450 6.47 10.60 16.73
N PRO A 451 6.44 9.79 15.67
CA PRO A 451 6.87 8.37 15.73
C PRO A 451 7.71 7.97 16.91
#